data_4JGC
#
_entry.id   4JGC
#
_cell.length_a   91.486
_cell.length_b   53.555
_cell.length_c   81.902
_cell.angle_alpha   90.00
_cell.angle_beta   95.10
_cell.angle_gamma   90.00
#
_symmetry.space_group_name_H-M   'C 1 2 1'
#
loop_
_entity.id
_entity.type
_entity.pdbx_description
1 polymer 'G/T mismatch-specific thymine DNA glycosylase'
2 polymer oligonucleotide
3 polymer 'oligonucleotide containing 5-carboxylcytosine'
4 non-polymer '4-amino-2-oxo-1,2-dihydropyrimidine-5-carboxylic acid'
5 water water
#
loop_
_entity_poly.entity_id
_entity_poly.type
_entity_poly.pdbx_seq_one_letter_code
_entity_poly.pdbx_strand_id
1 'polypeptide(L)'
;GSHMASFNGVSEAELLTKTLPDILTFNLDIVIIGIAPGLMAAYKGHHYPGPGNHFWKCLFMSGLSEVQLNHMDDHTLPGK
YGIGFTNMVERTTPGSKDLSSKEFREGGRILVQKLQKYQPRIAVFNGKCIYEIFSKEVFGVKVKNLEFGLQPHKIPDTET
LCYVMPSSSARCAQFPRAQDKVHYYIKLKDLRDQLKGIERNMDV
;
A
2 'polydeoxyribonucleotide'
;(DC)(DA)(DG)(DC)(DT)(DC)(DT)(DG)(DT)(DA)(DC)(DG)(DT)(DG)(DA)(DG)(DC)(DA)(DG)(DT)
(DG)(DG)(DA)(DC)(DA)(DG)(DC)(DT)
;
C
3 'polydeoxyribonucleotide'
;(DA)(DG)(DC)(DT)(DG)(DT)(DC)(DC)(DA)(DC)(DT)(DG)(DC)(DT)(DC)(DA)(ORP)(DG)(DT)
(DA)(DC)(DA)(DG)(DA)(DG)(DC)(DT)(DG)
;
D
#
# COMPACT_ATOMS: atom_id res chain seq x y z
N SER A 6 16.48 -10.96 -17.20
CA SER A 6 16.80 -11.70 -15.99
C SER A 6 17.43 -10.78 -14.94
N PHE A 7 17.18 -11.09 -13.67
CA PHE A 7 17.76 -10.30 -12.58
C PHE A 7 18.94 -11.06 -11.99
N ASN A 8 20.14 -10.56 -12.24
CA ASN A 8 21.38 -11.19 -11.81
C ASN A 8 21.44 -12.69 -12.10
N GLY A 9 20.93 -13.08 -13.28
CA GLY A 9 20.95 -14.46 -13.69
C GLY A 9 19.73 -15.27 -13.27
N VAL A 10 18.78 -14.62 -12.59
CA VAL A 10 17.57 -15.28 -12.15
C VAL A 10 16.43 -15.07 -13.16
N SER A 11 15.82 -16.17 -13.59
CA SER A 11 14.74 -16.11 -14.57
C SER A 11 13.47 -15.51 -13.97
N GLU A 12 12.61 -14.98 -14.83
CA GLU A 12 11.35 -14.39 -14.39
C GLU A 12 10.42 -15.45 -13.84
N ALA A 13 10.51 -16.66 -14.38
CA ALA A 13 9.67 -17.78 -13.94
C ALA A 13 9.98 -18.15 -12.50
N GLU A 14 11.26 -18.01 -12.11
CA GLU A 14 11.67 -18.31 -10.75
C GLU A 14 11.12 -17.26 -9.77
N LEU A 15 11.00 -16.03 -10.24
CA LEU A 15 10.49 -14.95 -9.41
C LEU A 15 8.97 -15.01 -9.25
N LEU A 16 8.30 -15.56 -10.25
CA LEU A 16 6.85 -15.71 -10.20
C LEU A 16 6.44 -16.69 -9.11
N THR A 17 7.29 -17.69 -8.87
CA THR A 17 7.03 -18.69 -7.84
C THR A 17 7.31 -18.14 -6.44
N LYS A 18 8.21 -17.17 -6.36
CA LYS A 18 8.57 -16.55 -5.10
C LYS A 18 7.46 -15.64 -4.60
N THR A 19 7.38 -15.48 -3.28
CA THR A 19 6.37 -14.63 -2.67
C THR A 19 6.99 -13.59 -1.75
N LEU A 20 6.31 -12.45 -1.61
CA LEU A 20 6.78 -11.39 -0.73
C LEU A 20 5.93 -11.37 0.55
N PRO A 21 6.54 -11.79 1.67
CA PRO A 21 5.85 -11.88 2.97
C PRO A 21 5.38 -10.52 3.46
N ASP A 22 4.16 -10.46 3.97
CA ASP A 22 3.61 -9.23 4.52
C ASP A 22 4.28 -8.94 5.87
N ILE A 23 4.59 -7.66 6.11
CA ILE A 23 5.09 -7.25 7.41
C ILE A 23 3.94 -6.59 8.16
N LEU A 24 3.44 -7.28 9.18
CA LEU A 24 2.25 -6.81 9.89
C LEU A 24 2.32 -7.08 11.39
N THR A 25 1.95 -6.06 12.18
CA THR A 25 1.83 -6.20 13.62
C THR A 25 0.52 -5.56 14.05
N PHE A 26 0.27 -5.50 15.36
CA PHE A 26 -0.92 -4.82 15.84
C PHE A 26 -0.59 -3.39 16.22
N ASN A 27 -1.62 -2.65 16.62
CA ASN A 27 -1.48 -1.24 17.02
C ASN A 27 -0.64 -0.38 16.06
N LEU A 28 -0.82 -0.62 14.76
CA LEU A 28 -0.11 0.16 13.76
C LEU A 28 -0.89 1.42 13.36
N ASP A 29 -0.15 2.51 13.13
CA ASP A 29 -0.78 3.74 12.68
C ASP A 29 -1.17 3.64 11.21
N ILE A 30 -0.25 3.12 10.40
CA ILE A 30 -0.44 3.07 8.95
C ILE A 30 -0.05 1.70 8.38
N VAL A 31 -0.96 1.12 7.58
CA VAL A 31 -0.65 -0.09 6.83
C VAL A 31 -0.69 0.22 5.34
N ILE A 32 0.42 -0.01 4.66
CA ILE A 32 0.52 0.32 3.24
C ILE A 32 0.10 -0.88 2.40
N ILE A 33 -1.01 -0.74 1.68
CA ILE A 33 -1.55 -1.82 0.88
C ILE A 33 -1.16 -1.67 -0.58
N GLY A 34 -0.35 -2.61 -1.07
CA GLY A 34 0.05 -2.60 -2.47
C GLY A 34 -0.93 -3.31 -3.36
N ILE A 35 -0.68 -3.28 -4.66
CA ILE A 35 -1.49 -3.99 -5.63
C ILE A 35 -1.15 -5.47 -5.56
N ALA A 36 0.11 -5.78 -5.86
CA ALA A 36 0.64 -7.14 -5.79
C ALA A 36 2.11 -7.05 -6.13
N PRO A 37 2.95 -7.78 -5.37
CA PRO A 37 4.42 -7.65 -5.43
C PRO A 37 5.01 -7.89 -6.81
N GLY A 38 5.95 -7.03 -7.19
CA GLY A 38 6.58 -7.11 -8.49
C GLY A 38 7.76 -8.06 -8.52
N LEU A 39 8.40 -8.16 -9.67
CA LEU A 39 9.56 -9.03 -9.83
C LEU A 39 10.71 -8.59 -8.94
N MET A 40 11.05 -7.31 -9.01
CA MET A 40 12.14 -6.75 -8.22
C MET A 40 11.84 -6.86 -6.72
N ALA A 41 10.56 -6.76 -6.38
CA ALA A 41 10.12 -6.86 -4.99
C ALA A 41 10.24 -8.29 -4.48
N ALA A 42 9.88 -9.25 -5.32
CA ALA A 42 9.98 -10.66 -4.97
C ALA A 42 11.44 -11.10 -4.91
N TYR A 43 12.26 -10.49 -5.77
CA TYR A 43 13.68 -10.80 -5.81
C TYR A 43 14.38 -10.38 -4.52
N LYS A 44 14.22 -9.11 -4.16
CA LYS A 44 14.90 -8.55 -2.99
C LYS A 44 14.36 -9.11 -1.68
N GLY A 45 13.07 -9.47 -1.67
CA GLY A 45 12.42 -9.92 -0.47
C GLY A 45 12.02 -8.75 0.39
N HIS A 46 11.98 -7.58 -0.25
CA HIS A 46 11.74 -6.32 0.41
C HIS A 46 10.80 -5.47 -0.41
N HIS A 47 9.89 -4.82 0.28
CA HIS A 47 8.84 -4.02 -0.31
C HIS A 47 9.39 -2.80 -0.99
N TYR A 48 8.81 -2.48 -2.14
CA TYR A 48 9.14 -1.23 -2.84
C TYR A 48 10.65 -1.06 -2.95
N PRO A 49 11.32 -2.06 -3.53
CA PRO A 49 12.67 -1.87 -4.07
C PRO A 49 12.70 -0.77 -5.13
N GLY A 50 11.88 -0.92 -6.17
CA GLY A 50 12.31 -0.64 -7.52
C GLY A 50 12.98 0.72 -7.65
N PRO A 51 13.84 0.86 -8.65
CA PRO A 51 14.59 2.10 -8.86
C PRO A 51 13.65 3.30 -8.98
N GLY A 52 12.62 3.17 -9.81
CA GLY A 52 11.65 4.16 -9.92
C GLY A 52 10.69 4.32 -8.85
N ASN A 53 10.16 3.36 -8.26
CA ASN A 53 9.06 3.52 -7.64
C ASN A 53 9.37 4.59 -6.75
N HIS A 54 8.37 5.40 -6.41
CA HIS A 54 8.61 6.66 -5.77
C HIS A 54 8.36 6.54 -4.30
N PHE A 55 7.89 5.36 -3.90
CA PHE A 55 7.47 5.15 -2.52
C PHE A 55 8.43 5.70 -1.47
N TRP A 56 9.68 5.25 -1.51
CA TRP A 56 10.67 5.66 -0.51
C TRP A 56 11.06 7.13 -0.66
N LYS A 57 11.04 7.62 -1.89
CA LYS A 57 11.31 9.02 -2.16
C LYS A 57 10.22 9.90 -1.55
N CYS A 58 8.97 9.55 -1.82
CA CYS A 58 7.82 10.30 -1.29
C CYS A 58 7.70 10.17 0.22
N LEU A 59 8.20 9.06 0.76
CA LEU A 59 8.17 8.84 2.19
C LEU A 59 9.11 9.81 2.88
N PHE A 60 10.23 10.10 2.24
CA PHE A 60 11.21 11.03 2.76
C PHE A 60 10.80 12.49 2.56
N MET A 61 10.33 12.81 1.37
CA MET A 61 9.96 14.19 1.03
C MET A 61 8.79 14.69 1.87
N SER A 62 7.95 13.77 2.31
CA SER A 62 6.78 14.13 3.11
C SER A 62 7.15 14.30 4.58
N GLY A 63 8.34 13.84 4.95
CA GLY A 63 8.81 13.96 6.31
C GLY A 63 8.27 12.86 7.22
N LEU A 64 7.62 11.87 6.61
CA LEU A 64 7.11 10.73 7.36
C LEU A 64 8.26 9.91 7.95
N SER A 65 9.19 9.51 7.10
CA SER A 65 10.39 8.79 7.54
C SER A 65 11.41 9.75 8.13
N GLU A 66 11.38 11.00 7.64
CA GLU A 66 12.25 12.09 8.10
C GLU A 66 13.75 11.87 7.81
N VAL A 67 14.08 10.67 7.35
CA VAL A 67 15.41 10.34 6.85
C VAL A 67 15.19 9.58 5.55
N GLN A 68 16.17 9.62 4.65
CA GLN A 68 16.03 8.92 3.38
C GLN A 68 16.29 7.43 3.59
N LEU A 69 15.29 6.61 3.26
CA LEU A 69 15.39 5.18 3.46
C LEU A 69 15.23 4.43 2.14
N ASN A 70 15.30 3.10 2.22
CA ASN A 70 15.01 2.24 1.07
C ASN A 70 14.37 0.93 1.49
N HIS A 71 14.24 0.01 0.56
CA HIS A 71 13.51 -1.24 0.77
C HIS A 71 14.07 -2.09 1.91
N MET A 72 15.38 -2.02 2.13
CA MET A 72 16.03 -2.86 3.14
C MET A 72 15.64 -2.47 4.57
N ASP A 73 15.09 -1.27 4.73
CA ASP A 73 14.69 -0.79 6.06
C ASP A 73 13.22 -1.08 6.36
N ASP A 74 12.55 -1.76 5.46
CA ASP A 74 11.11 -1.99 5.57
C ASP A 74 10.69 -2.72 6.85
N HIS A 75 11.53 -3.64 7.33
CA HIS A 75 11.22 -4.40 8.53
C HIS A 75 11.32 -3.57 9.80
N THR A 76 12.02 -2.44 9.72
CA THR A 76 12.20 -1.57 10.88
C THR A 76 11.11 -0.50 10.96
N LEU A 77 10.26 -0.45 9.93
CA LEU A 77 9.18 0.52 9.89
C LEU A 77 8.05 0.34 10.93
N PRO A 78 7.56 -0.89 11.13
CA PRO A 78 6.49 -1.05 12.12
C PRO A 78 6.88 -0.62 13.53
N GLY A 79 8.09 -0.96 13.94
CA GLY A 79 8.57 -0.57 15.26
C GLY A 79 8.77 0.93 15.42
N LYS A 80 9.59 1.52 14.55
CA LYS A 80 9.89 2.94 14.65
C LYS A 80 8.76 3.86 14.21
N TYR A 81 8.27 3.66 12.99
CA TYR A 81 7.29 4.57 12.40
C TYR A 81 5.83 4.10 12.50
N GLY A 82 5.63 2.91 13.04
CA GLY A 82 4.30 2.31 13.09
C GLY A 82 3.70 2.10 11.71
N ILE A 83 4.56 1.71 10.75
CA ILE A 83 4.12 1.51 9.37
C ILE A 83 4.27 0.07 8.91
N GLY A 84 3.18 -0.55 8.49
CA GLY A 84 3.18 -1.93 8.03
C GLY A 84 3.08 -2.07 6.53
N PHE A 85 3.14 -3.30 6.04
CA PHE A 85 3.07 -3.57 4.60
C PHE A 85 2.24 -4.81 4.28
N THR A 86 1.47 -4.72 3.21
CA THR A 86 0.72 -5.85 2.67
C THR A 86 0.33 -5.58 1.22
N ASN A 87 -0.43 -6.49 0.62
CA ASN A 87 -0.85 -6.33 -0.76
C ASN A 87 -2.29 -6.77 -0.99
N MET A 88 -2.92 -6.21 -2.02
CA MET A 88 -4.24 -6.63 -2.43
C MET A 88 -4.19 -8.08 -2.88
N VAL A 89 -3.18 -8.39 -3.69
CA VAL A 89 -2.96 -9.75 -4.17
C VAL A 89 -1.59 -10.25 -3.71
N GLU A 90 -1.57 -11.39 -3.05
CA GLU A 90 -0.33 -11.96 -2.52
C GLU A 90 0.58 -12.50 -3.62
N ARG A 91 -0.02 -12.83 -4.76
CA ARG A 91 0.70 -13.38 -5.89
C ARG A 91 1.74 -12.42 -6.46
N THR A 92 2.89 -12.95 -6.86
CA THR A 92 3.93 -12.13 -7.49
C THR A 92 3.58 -11.87 -8.95
N THR A 93 3.43 -10.60 -9.31
CA THR A 93 3.00 -10.24 -10.66
C THR A 93 3.87 -9.14 -11.26
N PRO A 94 3.99 -9.16 -12.59
CA PRO A 94 4.80 -8.17 -13.31
C PRO A 94 4.13 -6.80 -13.35
N GLY A 95 2.87 -6.77 -13.78
CA GLY A 95 2.12 -5.52 -13.87
C GLY A 95 0.71 -5.66 -13.35
N SER A 96 -0.07 -4.59 -13.43
CA SER A 96 -1.45 -4.61 -12.97
C SER A 96 -2.38 -5.21 -14.01
N LYS A 97 -2.10 -4.93 -15.28
CA LYS A 97 -2.93 -5.44 -16.37
C LYS A 97 -2.82 -6.95 -16.50
N ASP A 98 -1.89 -7.53 -15.75
CA ASP A 98 -1.68 -8.98 -15.76
C ASP A 98 -2.61 -9.71 -14.78
N LEU A 99 -3.32 -8.94 -13.96
CA LEU A 99 -4.22 -9.51 -12.96
C LEU A 99 -5.66 -9.59 -13.47
N SER A 100 -6.33 -10.70 -13.16
CA SER A 100 -7.72 -10.89 -13.55
C SER A 100 -8.65 -10.35 -12.47
N SER A 101 -9.96 -10.45 -12.72
CA SER A 101 -10.95 -9.94 -11.77
C SER A 101 -11.14 -10.89 -10.60
N LYS A 102 -11.05 -12.20 -10.88
CA LYS A 102 -11.21 -13.21 -9.85
C LYS A 102 -10.10 -13.10 -8.80
N GLU A 103 -8.87 -12.86 -9.27
CA GLU A 103 -7.72 -12.72 -8.38
C GLU A 103 -7.87 -11.52 -7.45
N PHE A 104 -8.34 -10.41 -8.00
CA PHE A 104 -8.54 -9.20 -7.21
C PHE A 104 -9.55 -9.39 -6.09
N ARG A 105 -10.68 -10.02 -6.42
CA ARG A 105 -11.75 -10.22 -5.44
C ARG A 105 -11.39 -11.28 -4.41
N GLU A 106 -10.62 -12.29 -4.82
CA GLU A 106 -10.11 -13.27 -3.88
C GLU A 106 -9.19 -12.58 -2.90
N GLY A 107 -8.29 -11.75 -3.44
CA GLY A 107 -7.38 -10.96 -2.64
C GLY A 107 -8.12 -9.96 -1.76
N GLY A 108 -9.28 -9.50 -2.27
CA GLY A 108 -10.11 -8.58 -1.52
C GLY A 108 -10.63 -9.19 -0.23
N ARG A 109 -11.01 -10.46 -0.29
CA ARG A 109 -11.49 -11.16 0.89
C ARG A 109 -10.36 -11.39 1.89
N ILE A 110 -9.21 -11.82 1.39
CA ILE A 110 -8.04 -12.05 2.23
C ILE A 110 -7.56 -10.75 2.86
N LEU A 111 -7.58 -9.67 2.08
CA LEU A 111 -7.14 -8.37 2.56
C LEU A 111 -8.00 -7.85 3.70
N VAL A 112 -9.31 -7.85 3.50
CA VAL A 112 -10.23 -7.32 4.51
C VAL A 112 -10.18 -8.13 5.80
N GLN A 113 -9.90 -9.43 5.67
CA GLN A 113 -9.77 -10.30 6.84
C GLN A 113 -8.50 -9.96 7.63
N LYS A 114 -7.41 -9.68 6.91
CA LYS A 114 -6.17 -9.26 7.54
C LYS A 114 -6.36 -7.90 8.21
N LEU A 115 -7.05 -7.01 7.52
CA LEU A 115 -7.28 -5.66 8.02
C LEU A 115 -8.13 -5.63 9.29
N GLN A 116 -9.14 -6.48 9.35
CA GLN A 116 -10.02 -6.54 10.51
C GLN A 116 -9.42 -7.41 11.62
N LYS A 117 -8.25 -7.99 11.33
CA LYS A 117 -7.52 -8.77 12.32
C LYS A 117 -6.58 -7.86 13.09
N TYR A 118 -5.61 -7.28 12.40
CA TYR A 118 -4.62 -6.40 13.02
C TYR A 118 -5.22 -5.04 13.40
N GLN A 119 -6.18 -4.57 12.60
CA GLN A 119 -6.91 -3.33 12.88
C GLN A 119 -6.03 -2.11 13.12
N PRO A 120 -5.39 -1.59 12.06
CA PRO A 120 -4.57 -0.38 12.20
C PRO A 120 -5.44 0.86 12.29
N ARG A 121 -4.82 2.03 12.42
CA ARG A 121 -5.56 3.29 12.44
C ARG A 121 -5.97 3.69 11.03
N ILE A 122 -5.02 3.62 10.11
CA ILE A 122 -5.26 4.00 8.73
C ILE A 122 -4.81 2.92 7.77
N ALA A 123 -5.74 2.40 6.97
CA ALA A 123 -5.40 1.45 5.93
C ALA A 123 -5.18 2.22 4.64
N VAL A 124 -3.93 2.24 4.18
CA VAL A 124 -3.57 3.02 3.00
C VAL A 124 -3.45 2.13 1.77
N PHE A 125 -4.45 2.20 0.90
CA PHE A 125 -4.31 1.71 -0.47
C PHE A 125 -3.22 2.47 -1.22
N ASN A 126 -2.50 1.77 -2.10
CA ASN A 126 -1.45 2.39 -2.90
C ASN A 126 -1.70 2.20 -4.40
N GLY A 127 -2.79 2.78 -4.88
CA GLY A 127 -3.17 2.65 -6.28
C GLY A 127 -4.52 3.32 -6.39
N LYS A 128 -5.01 3.55 -7.61
CA LYS A 128 -6.41 3.89 -7.82
C LYS A 128 -7.28 2.64 -7.84
N CYS A 129 -6.81 1.64 -8.60
CA CYS A 129 -7.63 0.52 -9.02
C CYS A 129 -8.00 -0.46 -7.92
N ILE A 130 -7.07 -0.70 -7.00
CA ILE A 130 -7.29 -1.69 -5.94
C ILE A 130 -8.42 -1.30 -5.00
N TYR A 131 -8.61 0.01 -4.78
CA TYR A 131 -9.70 0.46 -3.93
C TYR A 131 -11.04 0.44 -4.66
N GLU A 132 -11.02 0.68 -5.97
CA GLU A 132 -12.22 0.61 -6.78
C GLU A 132 -12.88 -0.74 -6.62
N ILE A 133 -12.05 -1.78 -6.67
CA ILE A 133 -12.52 -3.15 -6.52
C ILE A 133 -12.83 -3.46 -5.06
N PHE A 134 -12.02 -2.90 -4.16
CA PHE A 134 -12.22 -3.12 -2.73
C PHE A 134 -13.53 -2.50 -2.25
N SER A 135 -13.82 -1.29 -2.71
CA SER A 135 -15.03 -0.59 -2.31
C SER A 135 -16.27 -1.30 -2.86
N LYS A 136 -16.18 -1.72 -4.11
CA LYS A 136 -17.29 -2.43 -4.76
C LYS A 136 -17.55 -3.77 -4.09
N GLU A 137 -16.48 -4.50 -3.80
CA GLU A 137 -16.61 -5.82 -3.18
C GLU A 137 -17.00 -5.76 -1.70
N VAL A 138 -16.25 -5.00 -0.91
CA VAL A 138 -16.45 -4.98 0.54
C VAL A 138 -17.64 -4.14 0.98
N PHE A 139 -17.73 -2.92 0.47
CA PHE A 139 -18.78 -2.00 0.88
C PHE A 139 -20.02 -2.07 -0.01
N GLY A 140 -19.90 -2.81 -1.12
CA GLY A 140 -21.00 -2.92 -2.07
C GLY A 140 -21.34 -1.61 -2.73
N VAL A 141 -20.42 -0.65 -2.65
CA VAL A 141 -20.65 0.69 -3.16
C VAL A 141 -19.67 1.06 -4.25
N LYS A 142 -20.17 1.23 -5.47
CA LYS A 142 -19.34 1.68 -6.59
C LYS A 142 -19.72 3.11 -6.92
N VAL A 143 -18.81 4.04 -6.64
CA VAL A 143 -19.07 5.45 -6.86
C VAL A 143 -18.38 5.97 -8.12
N LYS A 144 -19.17 6.54 -9.03
CA LYS A 144 -18.59 7.22 -10.18
C LYS A 144 -17.89 8.49 -9.70
N ASN A 145 -16.80 8.84 -10.39
CA ASN A 145 -15.93 9.94 -9.98
C ASN A 145 -15.35 9.72 -8.58
N LEU A 146 -14.76 8.54 -8.38
CA LEU A 146 -14.02 8.25 -7.16
C LEU A 146 -12.79 9.15 -7.06
N GLU A 147 -12.45 9.58 -5.85
CA GLU A 147 -11.36 10.50 -5.63
C GLU A 147 -10.30 9.91 -4.72
N PHE A 148 -9.10 10.48 -4.76
CA PHE A 148 -8.02 10.07 -3.86
C PHE A 148 -8.31 10.57 -2.45
N GLY A 149 -7.40 10.29 -1.52
CA GLY A 149 -7.52 10.79 -0.17
C GLY A 149 -8.42 9.95 0.70
N LEU A 150 -8.91 10.56 1.79
CA LEU A 150 -9.74 9.86 2.76
C LEU A 150 -11.06 9.39 2.16
N GLN A 151 -11.55 8.25 2.63
CA GLN A 151 -12.77 7.66 2.10
C GLN A 151 -13.87 7.62 3.17
N PRO A 152 -15.14 7.68 2.73
CA PRO A 152 -16.28 7.73 3.65
C PRO A 152 -16.51 6.47 4.48
N HIS A 153 -15.95 5.34 4.08
CA HIS A 153 -16.26 4.07 4.72
C HIS A 153 -15.09 3.45 5.49
N LYS A 154 -15.33 3.12 6.75
CA LYS A 154 -14.39 2.32 7.53
C LYS A 154 -14.53 0.87 7.11
N ILE A 155 -13.46 0.10 7.25
CA ILE A 155 -13.55 -1.34 7.05
C ILE A 155 -14.47 -1.92 8.12
N PRO A 156 -15.37 -2.84 7.73
CA PRO A 156 -16.45 -3.32 8.61
C PRO A 156 -16.01 -3.83 9.97
N ASP A 157 -16.76 -3.45 11.00
CA ASP A 157 -16.54 -3.86 12.38
C ASP A 157 -15.18 -3.44 12.95
N THR A 158 -14.59 -2.38 12.40
CA THR A 158 -13.40 -1.79 12.99
C THR A 158 -13.47 -0.26 12.92
N GLU A 159 -12.47 0.40 13.49
CA GLU A 159 -12.37 1.85 13.41
C GLU A 159 -11.43 2.34 12.30
N THR A 160 -10.85 1.40 11.55
CA THR A 160 -9.80 1.74 10.59
C THR A 160 -10.32 2.51 9.37
N LEU A 161 -9.73 3.68 9.16
CA LEU A 161 -10.08 4.56 8.04
C LEU A 161 -9.42 4.07 6.75
N CYS A 162 -10.01 4.43 5.61
CA CYS A 162 -9.44 4.08 4.31
C CYS A 162 -8.90 5.30 3.57
N TYR A 163 -7.62 5.27 3.23
CA TYR A 163 -6.96 6.36 2.52
C TYR A 163 -6.38 5.86 1.20
N VAL A 164 -6.69 6.56 0.12
CA VAL A 164 -6.26 6.13 -1.21
C VAL A 164 -5.25 7.08 -1.83
N MET A 165 -4.16 6.53 -2.34
CA MET A 165 -3.12 7.32 -3.00
C MET A 165 -2.86 6.80 -4.40
N PRO A 166 -2.31 7.67 -5.28
CA PRO A 166 -1.83 7.21 -6.59
C PRO A 166 -0.71 6.21 -6.39
N SER A 167 -0.64 5.20 -7.26
CA SER A 167 0.38 4.16 -7.13
C SER A 167 1.79 4.74 -7.16
N SER A 168 2.64 4.25 -6.27
CA SER A 168 4.01 4.73 -6.16
C SER A 168 4.85 4.27 -7.34
N SER A 169 4.28 3.38 -8.15
CA SER A 169 4.92 2.92 -9.38
C SER A 169 5.08 4.09 -10.36
N ALA A 170 6.11 4.01 -11.19
CA ALA A 170 6.44 5.10 -12.11
C ALA A 170 5.77 4.92 -13.47
N ARG A 171 4.98 3.87 -13.62
CA ARG A 171 4.24 3.60 -14.85
C ARG A 171 3.15 4.65 -15.06
N CYS A 172 2.77 5.33 -13.98
CA CYS A 172 1.67 6.27 -14.04
C CYS A 172 2.15 7.58 -14.67
N ALA A 173 1.56 7.92 -15.81
CA ALA A 173 1.93 9.12 -16.54
C ALA A 173 1.28 10.38 -15.98
N GLN A 174 0.09 10.24 -15.43
CA GLN A 174 -0.66 11.38 -14.88
C GLN A 174 0.07 11.97 -13.67
N PHE A 175 0.93 11.18 -13.05
CA PHE A 175 1.78 11.66 -11.96
C PHE A 175 3.21 11.24 -12.24
N PRO A 176 3.89 11.97 -13.15
CA PRO A 176 5.22 11.63 -13.67
C PRO A 176 6.30 11.54 -12.60
N ARG A 177 6.26 12.44 -11.63
CA ARG A 177 7.34 12.57 -10.66
C ARG A 177 6.87 12.32 -9.23
N ALA A 178 7.82 12.00 -8.36
CA ALA A 178 7.54 11.81 -6.93
C ALA A 178 7.05 13.11 -6.31
N GLN A 179 7.43 14.22 -6.92
CA GLN A 179 6.98 15.54 -6.47
C GLN A 179 5.47 15.68 -6.63
N ASP A 180 4.92 14.98 -7.63
CA ASP A 180 3.49 15.03 -7.90
C ASP A 180 2.71 14.17 -6.91
N LYS A 181 3.32 13.06 -6.47
CA LYS A 181 2.65 12.13 -5.57
C LYS A 181 2.88 12.43 -4.09
N VAL A 182 3.81 13.33 -3.79
CA VAL A 182 4.21 13.58 -2.40
C VAL A 182 3.10 14.28 -1.64
N HIS A 183 2.22 14.94 -2.38
CA HIS A 183 1.11 15.72 -1.82
C HIS A 183 0.19 14.86 -0.96
N TYR A 184 -0.08 13.64 -1.41
CA TYR A 184 -0.97 12.74 -0.67
C TYR A 184 -0.29 12.09 0.53
N TYR A 185 1.03 11.94 0.44
CA TYR A 185 1.81 11.41 1.56
C TYR A 185 1.78 12.40 2.72
N ILE A 186 1.89 13.68 2.41
CA ILE A 186 1.86 14.74 3.41
C ILE A 186 0.51 14.79 4.11
N LYS A 187 -0.56 14.74 3.33
CA LYS A 187 -1.92 14.76 3.87
C LYS A 187 -2.19 13.52 4.70
N LEU A 188 -1.52 12.42 4.37
CA LEU A 188 -1.63 11.19 5.14
C LEU A 188 -0.99 11.38 6.50
N LYS A 189 0.14 12.08 6.52
CA LYS A 189 0.86 12.37 7.76
C LYS A 189 0.00 13.26 8.66
N ASP A 190 -0.67 14.24 8.06
CA ASP A 190 -1.54 15.14 8.80
C ASP A 190 -2.74 14.38 9.38
N LEU A 191 -3.20 13.38 8.64
CA LEU A 191 -4.30 12.54 9.11
C LEU A 191 -3.88 11.71 10.31
N ARG A 192 -2.67 11.16 10.25
CA ARG A 192 -2.12 10.36 11.33
C ARG A 192 -2.00 11.17 12.61
N ASP A 193 -1.40 12.36 12.49
CA ASP A 193 -1.21 13.25 13.63
C ASP A 193 -2.55 13.72 14.18
N GLN A 194 -3.55 13.81 13.31
CA GLN A 194 -4.88 14.24 13.72
C GLN A 194 -5.61 13.14 14.47
N LEU A 195 -5.34 11.88 14.11
CA LEU A 195 -5.94 10.75 14.78
C LEU A 195 -5.31 10.51 16.16
N LYS A 196 -4.01 10.78 16.26
CA LYS A 196 -3.31 10.67 17.53
C LYS A 196 -3.77 11.75 18.50
N GLY A 197 -3.92 12.97 18.00
CA GLY A 197 -4.35 14.09 18.83
C GLY A 197 -5.79 13.97 19.27
N ILE A 198 -6.64 13.43 18.39
CA ILE A 198 -8.05 13.24 18.71
C ILE A 198 -8.24 12.10 19.70
N GLU A 199 -7.29 11.15 19.68
CA GLU A 199 -7.34 10.01 20.60
C GLU A 199 -6.92 10.43 22.00
N ARG A 200 -5.84 11.20 22.09
CA ARG A 200 -5.31 11.65 23.38
C ARG A 200 -6.25 12.64 24.08
N ASN A 201 -7.16 13.22 23.31
CA ASN A 201 -8.12 14.18 23.85
C ASN A 201 -9.14 13.48 24.75
#